data_7W8X
#
_entry.id   7W8X
#
_cell.length_a   49.675
_cell.length_b   44.742
_cell.length_c   78.918
_cell.angle_alpha   90.000
_cell.angle_beta   96.934
_cell.angle_gamma   90.000
#
_symmetry.space_group_name_H-M   'P 1 21 1'
#
loop_
_entity.id
_entity.type
_entity.pdbx_description
1 polymer '6-dimethylallyltryptophan synthase'
2 non-polymer 'DIMETHYLALLYL S-THIOLODIPHOSPHATE'
3 non-polymer 'SULFATE ION'
4 non-polymer '(2S)-2-azanyl-3-(6-methyl-1H-indol-3-yl)propanoic acid'
5 water water
#
_entity_poly.entity_id   1
_entity_poly.type   'polypeptide(L)'
_entity_poly.pdbx_seq_one_letter_code
;GSHLEPTQLGGLVTDQLARLCDVARLDRTDTETYVQTLATSLGTAAERSLALPPTTATLLSDDHTPVEYSLAFLPGATPA
LRVLVEPGWDSGDLAENGRAGLRAIRAMADRWNFSTDQLDLLEDLFFPVAPAGPFALWCALELRPGGVPGVKVYLNPAAR
GRDRRAETLREALDRLGHRQAFAALPPADDYPFLALDLGEWAAPRVKVYCTHESLSAQEAGEYSRLAAADGRDQTTDFFH
AVAGTDAGGTGQPSTRRALTCHSFTDTVTGRPSGFTLHMPVRSYVEHDGRARDRAADVLRRYGMDNDALDRALAAVTPRP
LDDGVGLVAYVALVHQLGRDPRVTVYVSSEAYAVQPPRTALATGPGIGR
;
_entity_poly.pdbx_strand_id   A
#
# COMPACT_ATOMS: atom_id res chain seq x y z
N GLY A 1 7.93 -23.47 -14.41
CA GLY A 1 7.01 -22.91 -15.37
C GLY A 1 5.79 -22.34 -14.68
N SER A 2 4.90 -21.72 -15.45
CA SER A 2 3.69 -21.10 -14.89
C SER A 2 2.46 -21.84 -15.37
N HIS A 3 1.54 -22.09 -14.44
CA HIS A 3 0.25 -22.69 -14.77
C HIS A 3 -0.76 -21.66 -15.25
N LEU A 4 -0.37 -20.40 -15.39
CA LEU A 4 -1.30 -19.31 -15.69
C LEU A 4 -1.13 -18.85 -17.13
N GLU A 5 -2.24 -18.36 -17.72
CA GLU A 5 -2.38 -17.84 -19.07
C GLU A 5 -2.46 -16.31 -19.05
N PRO A 6 -1.99 -15.64 -20.10
CA PRO A 6 -2.14 -14.18 -20.15
C PRO A 6 -3.58 -13.69 -20.20
N THR A 7 -4.55 -14.56 -20.46
CA THR A 7 -5.96 -14.22 -20.39
C THR A 7 -6.52 -14.33 -18.97
N GLN A 8 -5.72 -14.77 -18.02
CA GLN A 8 -6.15 -14.91 -16.64
C GLN A 8 -5.56 -13.76 -15.82
N LEU A 9 -6.28 -13.38 -14.77
CA LEU A 9 -5.83 -12.28 -13.92
C LEU A 9 -4.42 -12.54 -13.40
N GLY A 10 -4.15 -13.77 -12.94
CA GLY A 10 -2.85 -14.08 -12.39
C GLY A 10 -1.75 -14.05 -13.41
N GLY A 11 -2.08 -14.34 -14.68
CA GLY A 11 -1.08 -14.27 -15.72
C GLY A 11 -0.64 -12.85 -16.00
N LEU A 12 -1.61 -11.93 -16.07
CA LEU A 12 -1.29 -10.52 -16.28
C LEU A 12 -0.46 -9.96 -15.13
N VAL A 13 -0.88 -10.22 -13.88
CA VAL A 13 -0.18 -9.58 -12.77
C VAL A 13 1.19 -10.20 -12.53
N THR A 14 1.36 -11.50 -12.74
CA THR A 14 2.69 -12.09 -12.60
C THR A 14 3.64 -11.57 -13.67
N ASP A 15 3.14 -11.36 -14.90
CA ASP A 15 3.95 -10.76 -15.95
C ASP A 15 4.41 -9.35 -15.55
N GLN A 16 3.50 -8.53 -15.04
CA GLN A 16 3.87 -7.19 -14.57
C GLN A 16 4.89 -7.28 -13.44
N LEU A 17 4.64 -8.15 -12.45
CA LEU A 17 5.55 -8.24 -11.33
C LEU A 17 6.93 -8.68 -11.77
N ALA A 18 7.01 -9.68 -12.65
CA ALA A 18 8.30 -10.15 -13.12
C ALA A 18 9.07 -9.03 -13.79
N ARG A 19 8.41 -8.24 -14.62
CA ARG A 19 9.08 -7.13 -15.27
C ARG A 19 9.54 -6.09 -14.26
N LEU A 20 8.72 -5.83 -13.23
CA LEU A 20 9.10 -4.89 -12.18
C LEU A 20 10.28 -5.40 -11.35
N CYS A 21 10.35 -6.71 -11.12
CA CYS A 21 11.49 -7.26 -10.41
C CYS A 21 12.80 -6.95 -11.13
N ASP A 22 12.77 -6.90 -12.47
CA ASP A 22 13.97 -6.55 -13.21
C ASP A 22 14.36 -5.10 -12.98
N VAL A 23 13.38 -4.20 -12.93
CA VAL A 23 13.67 -2.81 -12.57
C VAL A 23 14.27 -2.72 -11.18
N ALA A 24 13.77 -3.53 -10.24
CA ALA A 24 14.30 -3.56 -8.88
C ALA A 24 15.61 -4.32 -8.77
N ARG A 25 16.11 -4.85 -9.88
CA ARG A 25 17.41 -5.53 -9.94
C ARG A 25 17.43 -6.80 -9.10
N LEU A 26 16.28 -7.46 -8.99
CA LEU A 26 16.23 -8.76 -8.32
C LEU A 26 16.68 -9.85 -9.30
N ASP A 27 17.42 -10.82 -8.78
CA ASP A 27 17.92 -11.88 -9.64
C ASP A 27 16.78 -12.82 -10.07
N ARG A 28 17.14 -13.81 -10.89
CA ARG A 28 16.12 -14.72 -11.43
C ARG A 28 15.50 -15.57 -10.34
N THR A 29 16.28 -15.98 -9.35
CA THR A 29 15.79 -16.85 -8.29
C THR A 29 14.76 -16.12 -7.43
N ASP A 30 15.10 -14.92 -6.94
CA ASP A 30 14.14 -14.15 -6.16
C ASP A 30 12.93 -13.76 -6.98
N THR A 31 13.13 -13.42 -8.26
CA THR A 31 12.00 -13.10 -9.12
C THR A 31 11.01 -14.26 -9.19
N GLU A 32 11.52 -15.47 -9.44
CA GLU A 32 10.65 -16.64 -9.47
C GLU A 32 9.94 -16.84 -8.14
N THR A 33 10.68 -16.69 -7.03
CA THR A 33 10.06 -16.83 -5.72
C THR A 33 8.90 -15.85 -5.55
N TYR A 34 9.10 -14.59 -5.93
CA TYR A 34 8.09 -13.58 -5.64
C TYR A 34 6.91 -13.64 -6.61
N VAL A 35 7.16 -13.97 -7.87
CA VAL A 35 6.05 -14.14 -8.81
C VAL A 35 5.15 -15.29 -8.37
N GLN A 36 5.75 -16.42 -7.98
CA GLN A 36 4.94 -17.52 -7.47
C GLN A 36 4.24 -17.11 -6.18
N THR A 37 4.91 -16.34 -5.32
CA THR A 37 4.27 -15.89 -4.08
C THR A 37 3.04 -15.05 -4.36
N LEU A 38 3.13 -14.13 -5.33
CA LEU A 38 1.96 -13.34 -5.70
C LEU A 38 0.83 -14.24 -6.19
N ALA A 39 1.12 -15.17 -7.10
CA ALA A 39 0.06 -16.05 -7.60
C ALA A 39 -0.58 -16.85 -6.47
N THR A 40 0.25 -17.40 -5.57
CA THR A 40 -0.29 -18.17 -4.46
C THR A 40 -1.15 -17.31 -3.56
N SER A 41 -0.72 -16.06 -3.31
N SER A 41 -0.70 -16.08 -3.28
CA SER A 41 -1.46 -15.19 -2.39
CA SER A 41 -1.45 -15.19 -2.40
C SER A 41 -2.82 -14.82 -2.95
C SER A 41 -2.84 -14.89 -2.95
N LEU A 42 -2.98 -14.81 -4.26
CA LEU A 42 -4.28 -14.53 -4.87
C LEU A 42 -5.24 -15.70 -4.79
N GLY A 43 -4.77 -16.89 -4.43
CA GLY A 43 -5.67 -18.03 -4.40
C GLY A 43 -6.31 -18.27 -5.76
N THR A 44 -7.60 -18.60 -5.73
CA THR A 44 -8.33 -18.91 -6.96
C THR A 44 -8.47 -17.71 -7.88
N ALA A 45 -8.23 -16.49 -7.39
CA ALA A 45 -8.27 -15.33 -8.27
C ALA A 45 -7.21 -15.42 -9.36
N ALA A 46 -6.09 -16.09 -9.07
CA ALA A 46 -4.99 -16.14 -10.05
C ALA A 46 -5.46 -16.75 -11.36
N GLU A 47 -6.31 -17.77 -11.28
CA GLU A 47 -6.78 -18.50 -12.45
C GLU A 47 -8.02 -17.91 -13.07
N ARG A 48 -8.52 -16.80 -12.55
CA ARG A 48 -9.77 -16.24 -13.04
C ARG A 48 -9.58 -15.56 -14.39
N SER A 49 -10.48 -15.86 -15.33
CA SER A 49 -10.45 -15.21 -16.63
C SER A 49 -10.67 -13.70 -16.49
N LEU A 50 -9.84 -12.92 -17.18
CA LEU A 50 -10.00 -11.48 -17.23
C LEU A 50 -11.28 -11.06 -17.93
N ALA A 51 -11.94 -11.96 -18.66
CA ALA A 51 -13.21 -11.65 -19.30
C ALA A 51 -14.38 -11.60 -18.32
N LEU A 52 -14.26 -12.23 -17.16
CA LEU A 52 -15.30 -12.14 -16.15
C LEU A 52 -15.16 -10.84 -15.37
N PRO A 53 -16.24 -10.36 -14.76
CA PRO A 53 -16.13 -9.16 -13.91
C PRO A 53 -15.21 -9.41 -12.74
N PRO A 54 -14.63 -8.36 -12.16
CA PRO A 54 -13.90 -8.54 -10.91
C PRO A 54 -14.82 -9.16 -9.86
N THR A 55 -14.29 -10.13 -9.11
CA THR A 55 -15.15 -10.82 -8.15
C THR A 55 -15.64 -9.88 -7.06
N THR A 56 -14.79 -8.96 -6.63
CA THR A 56 -15.10 -8.02 -5.58
C THR A 56 -14.82 -6.62 -6.11
N ALA A 57 -15.76 -5.70 -5.90
CA ALA A 57 -15.58 -4.31 -6.32
C ALA A 57 -14.70 -3.57 -5.31
N THR A 58 -13.46 -4.04 -5.20
CA THR A 58 -12.60 -3.65 -4.08
C THR A 58 -12.14 -2.20 -4.18
N LEU A 59 -11.97 -1.60 -3.00
CA LEU A 59 -11.34 -0.29 -2.87
C LEU A 59 -9.85 -0.33 -3.17
N LEU A 60 -9.24 -1.51 -3.24
CA LEU A 60 -7.79 -1.56 -3.37
C LEU A 60 -7.32 -0.76 -4.58
N SER A 61 -8.05 -0.83 -5.70
CA SER A 61 -7.70 -0.04 -6.87
C SER A 61 -8.97 0.42 -7.57
N ASP A 62 -8.83 1.45 -8.41
CA ASP A 62 -10.00 2.07 -9.02
C ASP A 62 -10.75 1.12 -9.94
N ASP A 63 -10.04 0.24 -10.64
CA ASP A 63 -10.68 -0.73 -11.52
C ASP A 63 -10.92 -2.08 -10.85
N HIS A 64 -10.65 -2.18 -9.55
CA HIS A 64 -10.96 -3.35 -8.74
C HIS A 64 -10.00 -4.52 -8.95
N THR A 65 -8.84 -4.27 -9.55
CA THR A 65 -7.77 -5.27 -9.53
C THR A 65 -7.29 -5.45 -8.10
N PRO A 66 -7.10 -6.68 -7.64
CA PRO A 66 -6.69 -6.90 -6.25
C PRO A 66 -5.17 -6.82 -6.02
N VAL A 67 -4.48 -6.04 -6.85
CA VAL A 67 -3.03 -5.88 -6.77
C VAL A 67 -2.70 -4.42 -7.06
N GLU A 68 -1.71 -3.89 -6.33
CA GLU A 68 -1.12 -2.59 -6.66
C GLU A 68 0.37 -2.65 -6.34
N TYR A 69 1.18 -1.95 -7.13
CA TYR A 69 2.62 -1.99 -6.95
C TYR A 69 3.10 -0.69 -6.36
N SER A 70 4.25 -0.73 -5.72
CA SER A 70 4.86 0.53 -5.30
C SER A 70 6.37 0.41 -5.32
N LEU A 71 7.04 1.54 -5.53
CA LEU A 71 8.49 1.62 -5.60
C LEU A 71 8.94 2.67 -4.61
N ALA A 72 9.85 2.28 -3.71
CA ALA A 72 10.37 3.18 -2.68
C ALA A 72 11.77 3.62 -3.09
N PHE A 73 11.92 4.91 -3.31
CA PHE A 73 13.17 5.49 -3.80
C PHE A 73 13.92 6.14 -2.64
N LEU A 74 15.17 5.70 -2.42
CA LEU A 74 16.13 6.38 -1.55
C LEU A 74 17.18 7.09 -2.39
N PRO A 75 17.75 8.19 -1.90
CA PRO A 75 18.75 8.91 -2.70
C PRO A 75 19.89 8.00 -3.14
N GLY A 76 20.14 7.98 -4.44
CA GLY A 76 21.29 7.28 -4.98
C GLY A 76 21.19 5.77 -5.02
N ALA A 77 20.00 5.20 -4.85
CA ALA A 77 19.84 3.75 -4.77
C ALA A 77 18.78 3.28 -5.77
N THR A 78 18.89 2.01 -6.14
CA THR A 78 17.82 1.38 -6.91
C THR A 78 16.57 1.28 -6.05
N PRO A 79 15.39 1.54 -6.61
CA PRO A 79 14.17 1.50 -5.79
C PRO A 79 13.89 0.09 -5.28
N ALA A 80 13.29 0.05 -4.10
CA ALA A 80 12.78 -1.17 -3.52
C ALA A 80 11.35 -1.39 -4.00
N LEU A 81 11.03 -2.63 -4.33
CA LEU A 81 9.74 -2.98 -4.91
C LEU A 81 8.84 -3.63 -3.85
N ARG A 82 7.58 -3.19 -3.81
CA ARG A 82 6.57 -3.77 -2.93
C ARG A 82 5.31 -4.05 -3.74
N VAL A 83 4.52 -5.01 -3.26
CA VAL A 83 3.23 -5.31 -3.88
C VAL A 83 2.16 -5.45 -2.80
N LEU A 84 0.99 -4.85 -3.05
CA LEU A 84 -0.16 -4.91 -2.16
C LEU A 84 -1.19 -5.84 -2.79
N VAL A 85 -1.72 -6.76 -2.00
CA VAL A 85 -2.64 -7.77 -2.52
C VAL A 85 -3.81 -7.95 -1.56
N GLU A 86 -4.96 -8.32 -2.11
CA GLU A 86 -6.14 -8.69 -1.31
C GLU A 86 -6.35 -10.20 -1.44
N PRO A 87 -5.81 -11.00 -0.53
CA PRO A 87 -5.86 -12.46 -0.74
C PRO A 87 -7.27 -13.03 -0.79
N GLY A 88 -8.23 -12.40 -0.14
CA GLY A 88 -9.59 -12.92 -0.12
C GLY A 88 -10.54 -12.35 -1.17
N TRP A 89 -9.99 -11.71 -2.20
CA TRP A 89 -10.81 -11.02 -3.19
C TRP A 89 -11.72 -11.97 -3.97
N ASP A 90 -11.31 -13.22 -4.17
CA ASP A 90 -12.16 -14.14 -4.93
C ASP A 90 -13.17 -14.84 -4.04
N SER A 91 -13.68 -14.17 -3.02
CA SER A 91 -14.71 -14.68 -2.13
C SER A 91 -16.04 -13.96 -2.38
N GLY A 92 -17.11 -14.54 -1.83
CA GLY A 92 -18.45 -14.05 -2.13
C GLY A 92 -18.91 -12.89 -1.27
N ASP A 93 -18.36 -12.77 -0.06
CA ASP A 93 -18.73 -11.64 0.78
C ASP A 93 -17.56 -11.26 1.68
N LEU A 94 -17.77 -10.18 2.43
CA LEU A 94 -16.67 -9.57 3.18
C LEU A 94 -16.17 -10.48 4.29
N ALA A 95 -17.07 -11.21 4.96
CA ALA A 95 -16.65 -12.14 6.01
C ALA A 95 -15.74 -13.23 5.45
N GLU A 96 -16.09 -13.80 4.29
CA GLU A 96 -15.24 -14.84 3.73
C GLU A 96 -13.95 -14.25 3.18
N ASN A 97 -14.01 -13.02 2.67
CA ASN A 97 -12.80 -12.33 2.23
C ASN A 97 -11.80 -12.23 3.38
N GLY A 98 -12.28 -11.82 4.55
CA GLY A 98 -11.41 -11.73 5.71
C GLY A 98 -10.86 -13.07 6.15
N ARG A 99 -11.71 -14.11 6.15
CA ARG A 99 -11.25 -15.44 6.53
C ARG A 99 -10.11 -15.90 5.62
N ALA A 100 -10.27 -15.71 4.31
CA ALA A 100 -9.23 -16.11 3.37
C ALA A 100 -7.99 -15.24 3.51
N GLY A 101 -8.17 -13.95 3.79
CA GLY A 101 -7.00 -13.11 4.02
C GLY A 101 -6.19 -13.57 5.20
N LEU A 102 -6.85 -13.90 6.31
CA LEU A 102 -6.12 -14.39 7.48
C LEU A 102 -5.45 -15.73 7.19
N ARG A 103 -6.13 -16.60 6.44
CA ARG A 103 -5.51 -17.88 6.06
C ARG A 103 -4.21 -17.65 5.30
N ALA A 104 -4.20 -16.66 4.40
CA ALA A 104 -3.01 -16.36 3.63
C ALA A 104 -1.88 -15.85 4.51
N ILE A 105 -2.19 -14.94 5.44
CA ILE A 105 -1.17 -14.46 6.36
C ILE A 105 -0.61 -15.62 7.18
N ARG A 106 -1.47 -16.53 7.63
CA ARG A 106 -0.98 -17.66 8.43
C ARG A 106 -0.06 -18.54 7.61
N ALA A 107 -0.38 -18.75 6.33
CA ALA A 107 0.49 -19.56 5.49
C ALA A 107 1.86 -18.88 5.34
N MET A 108 1.86 -17.56 5.19
CA MET A 108 3.13 -16.84 5.09
C MET A 108 3.92 -16.92 6.39
N ALA A 109 3.23 -16.83 7.53
CA ALA A 109 3.91 -16.90 8.83
C ALA A 109 4.58 -18.25 9.02
N ASP A 110 3.91 -19.32 8.58
CA ASP A 110 4.50 -20.65 8.66
C ASP A 110 5.70 -20.76 7.73
N ARG A 111 5.56 -20.26 6.49
CA ARG A 111 6.62 -20.40 5.50
C ARG A 111 7.88 -19.67 5.92
N TRP A 112 7.74 -18.46 6.47
CA TRP A 112 8.88 -17.61 6.78
C TRP A 112 9.12 -17.44 8.27
N ASN A 113 8.46 -18.21 9.12
CA ASN A 113 8.83 -18.35 10.52
C ASN A 113 8.68 -17.03 11.30
N PHE A 114 7.49 -16.47 11.26
CA PHE A 114 7.16 -15.33 12.12
C PHE A 114 5.83 -15.58 12.82
N SER A 115 5.60 -14.82 13.88
CA SER A 115 4.43 -15.05 14.73
C SER A 115 3.26 -14.18 14.29
N THR A 116 2.06 -14.73 14.39
CA THR A 116 0.85 -13.94 14.18
C THR A 116 0.17 -13.58 15.49
N ASP A 117 0.90 -13.69 16.61
CA ASP A 117 0.30 -13.45 17.93
C ASP A 117 -0.26 -12.04 18.04
N GLN A 118 0.49 -11.04 17.58
CA GLN A 118 0.02 -9.66 17.69
C GLN A 118 -1.17 -9.39 16.79
N LEU A 119 -1.21 -10.01 15.62
CA LEU A 119 -2.40 -9.94 14.78
C LEU A 119 -3.54 -10.72 15.42
N ASP A 120 -3.24 -11.88 16.02
CA ASP A 120 -4.28 -12.69 16.67
C ASP A 120 -4.95 -11.94 17.81
N LEU A 121 -4.19 -11.09 18.52
CA LEU A 121 -4.75 -10.33 19.62
C LEU A 121 -5.93 -9.44 19.19
N LEU A 122 -6.01 -9.12 17.90
CA LEU A 122 -6.94 -8.10 17.41
C LEU A 122 -8.12 -8.67 16.64
N GLU A 123 -8.23 -10.00 16.54
CA GLU A 123 -9.15 -10.60 15.57
C GLU A 123 -10.60 -10.20 15.82
N ASP A 124 -11.04 -10.15 17.08
CA ASP A 124 -12.43 -9.81 17.34
C ASP A 124 -12.75 -8.36 17.01
N LEU A 125 -11.72 -7.50 16.94
CA LEU A 125 -11.96 -6.10 16.60
C LEU A 125 -12.10 -5.89 15.10
N PHE A 126 -11.38 -6.65 14.30
CA PHE A 126 -11.27 -6.40 12.87
C PHE A 126 -11.97 -7.43 12.00
N PHE A 127 -12.42 -8.54 12.59
CA PHE A 127 -13.10 -9.62 11.86
C PHE A 127 -14.35 -10.06 12.62
N PRO A 128 -15.32 -9.16 12.75
CA PRO A 128 -16.59 -9.51 13.39
C PRO A 128 -17.47 -10.33 12.45
N VAL A 129 -18.59 -10.80 13.01
CA VAL A 129 -19.44 -11.75 12.30
C VAL A 129 -20.03 -11.15 11.02
N ALA A 130 -20.56 -9.93 11.12
CA ALA A 130 -21.22 -9.25 10.00
C ALA A 130 -20.44 -7.97 9.74
N PRO A 131 -19.28 -8.07 9.10
CA PRO A 131 -18.39 -6.89 9.02
C PRO A 131 -18.94 -5.82 8.09
N ALA A 132 -18.59 -4.58 8.41
CA ALA A 132 -18.83 -3.43 7.54
C ALA A 132 -17.62 -3.24 6.64
N GLY A 133 -17.86 -2.57 5.51
CA GLY A 133 -16.80 -2.32 4.57
C GLY A 133 -15.87 -1.22 5.06
N PRO A 134 -14.97 -0.78 4.17
CA PRO A 134 -14.91 -1.11 2.75
C PRO A 134 -14.00 -2.30 2.37
N PHE A 135 -13.26 -2.87 3.30
CA PHE A 135 -12.38 -3.99 3.00
C PHE A 135 -12.19 -4.77 4.30
N ALA A 136 -11.53 -5.93 4.20
CA ALA A 136 -11.28 -6.76 5.36
C ALA A 136 -9.79 -6.98 5.65
N LEU A 137 -9.00 -7.34 4.65
CA LEU A 137 -7.58 -7.56 4.90
C LEU A 137 -6.80 -7.39 3.60
N TRP A 138 -5.78 -6.54 3.64
CA TRP A 138 -4.80 -6.47 2.58
C TRP A 138 -3.44 -6.81 3.14
N CYS A 139 -2.54 -7.24 2.27
CA CYS A 139 -1.20 -7.63 2.67
C CYS A 139 -0.22 -6.93 1.74
N ALA A 140 0.78 -6.27 2.31
CA ALA A 140 1.87 -5.66 1.55
C ALA A 140 3.12 -6.49 1.74
N LEU A 141 3.77 -6.83 0.64
CA LEU A 141 4.99 -7.62 0.65
C LEU A 141 6.10 -6.75 0.11
N GLU A 142 7.16 -6.55 0.91
CA GLU A 142 8.37 -5.88 0.46
C GLU A 142 9.28 -6.93 -0.16
N LEU A 143 9.57 -6.79 -1.45
CA LEU A 143 10.25 -7.85 -2.20
C LEU A 143 11.76 -7.69 -2.07
N ARG A 144 12.29 -8.17 -0.95
CA ARG A 144 13.68 -7.98 -0.57
C ARG A 144 14.58 -8.99 -1.27
N PRO A 145 15.80 -8.58 -1.61
CA PRO A 145 16.78 -9.56 -2.09
C PRO A 145 16.91 -10.69 -1.09
N GLY A 146 17.00 -11.92 -1.60
CA GLY A 146 17.11 -13.11 -0.80
C GLY A 146 15.87 -13.98 -0.80
N GLY A 147 14.71 -13.42 -1.15
CA GLY A 147 13.52 -14.19 -1.32
C GLY A 147 12.62 -14.31 -0.10
N VAL A 148 13.04 -13.77 1.04
CA VAL A 148 12.18 -13.68 2.22
C VAL A 148 11.65 -12.25 2.29
N PRO A 149 10.37 -12.02 2.07
CA PRO A 149 9.88 -10.65 2.00
C PRO A 149 9.58 -10.08 3.39
N GLY A 150 9.49 -8.76 3.45
CA GLY A 150 8.85 -8.13 4.59
C GLY A 150 7.34 -8.16 4.39
N VAL A 151 6.62 -8.36 5.49
CA VAL A 151 5.16 -8.54 5.46
C VAL A 151 4.50 -7.49 6.36
N LYS A 152 3.51 -6.79 5.81
CA LYS A 152 2.66 -5.91 6.58
C LYS A 152 1.20 -6.29 6.31
N VAL A 153 0.37 -6.21 7.33
CA VAL A 153 -1.05 -6.50 7.19
C VAL A 153 -1.85 -5.23 7.45
N TYR A 154 -2.83 -4.96 6.59
CA TYR A 154 -3.69 -3.79 6.65
C TYR A 154 -5.08 -4.22 7.08
N LEU A 155 -5.62 -3.53 8.10
CA LEU A 155 -6.88 -3.87 8.75
C LEU A 155 -7.80 -2.65 8.73
N ASN A 156 -9.10 -2.90 8.87
CA ASN A 156 -10.12 -1.88 8.67
C ASN A 156 -10.72 -1.39 9.98
N PRO A 157 -10.41 -0.18 10.44
CA PRO A 157 -11.00 0.29 11.71
C PRO A 157 -12.52 0.43 11.68
N ALA A 158 -13.14 0.50 10.49
CA ALA A 158 -14.59 0.56 10.37
C ALA A 158 -15.27 -0.81 10.35
N ALA A 159 -14.55 -1.90 10.63
CA ALA A 159 -15.11 -3.23 10.45
C ALA A 159 -16.36 -3.46 11.31
N ARG A 160 -16.44 -2.82 12.47
CA ARG A 160 -17.59 -2.95 13.36
C ARG A 160 -18.57 -1.81 13.18
N GLY A 161 -18.47 -1.09 12.08
CA GLY A 161 -19.34 0.03 11.77
C GLY A 161 -18.57 1.34 11.80
N ARG A 162 -19.02 2.28 10.97
CA ARG A 162 -18.36 3.58 10.93
C ARG A 162 -18.37 4.29 12.27
N ASP A 163 -19.47 4.16 13.03
CA ASP A 163 -19.56 4.84 14.32
C ASP A 163 -18.54 4.31 15.32
N ARG A 164 -17.97 3.12 15.09
CA ARG A 164 -17.00 2.54 16.01
C ARG A 164 -15.56 2.63 15.51
N ARG A 165 -15.28 3.47 14.51
CA ARG A 165 -13.92 3.56 13.96
C ARG A 165 -12.91 3.93 15.05
N ALA A 166 -13.18 4.99 15.81
CA ALA A 166 -12.22 5.42 16.82
C ALA A 166 -12.18 4.45 17.99
N GLU A 167 -13.34 3.91 18.37
CA GLU A 167 -13.36 2.92 19.44
C GLU A 167 -12.50 1.71 19.09
N THR A 168 -12.62 1.24 17.84
CA THR A 168 -11.86 0.07 17.41
C THR A 168 -10.37 0.38 17.35
N LEU A 169 -10.00 1.54 16.81
CA LEU A 169 -8.59 1.90 16.72
C LEU A 169 -7.98 2.06 18.10
N ARG A 170 -8.70 2.72 19.01
CA ARG A 170 -8.15 2.95 20.34
C ARG A 170 -8.01 1.65 21.12
N GLU A 171 -9.00 0.76 21.03
CA GLU A 171 -8.86 -0.52 21.72
C GLU A 171 -7.72 -1.34 21.13
N ALA A 172 -7.56 -1.30 19.80
CA ALA A 172 -6.46 -2.05 19.19
C ALA A 172 -5.11 -1.54 19.66
N LEU A 173 -4.93 -0.22 19.65
CA LEU A 173 -3.68 0.34 20.13
C LEU A 173 -3.42 -0.03 21.59
N ASP A 174 -4.46 0.01 22.42
CA ASP A 174 -4.27 -0.35 23.82
C ASP A 174 -3.81 -1.80 23.97
N ARG A 175 -4.47 -2.72 23.25
CA ARG A 175 -4.10 -4.13 23.34
C ARG A 175 -2.65 -4.35 22.91
N LEU A 176 -2.16 -3.57 21.95
CA LEU A 176 -0.79 -3.70 21.48
C LEU A 176 0.21 -3.01 22.39
N GLY A 177 -0.24 -2.36 23.46
CA GLY A 177 0.65 -1.64 24.36
C GLY A 177 0.94 -0.20 23.99
N HIS A 178 0.39 0.26 22.85
CA HIS A 178 0.60 1.64 22.39
C HIS A 178 -0.45 2.57 23.00
N ARG A 179 -0.42 2.65 24.34
CA ARG A 179 -1.48 3.35 25.06
C ARG A 179 -1.41 4.86 24.92
N GLN A 180 -0.34 5.41 24.39
CA GLN A 180 -0.22 6.84 24.20
C GLN A 180 -0.22 7.25 22.73
N ALA A 181 -0.37 6.29 21.81
CA ALA A 181 -0.22 6.63 20.39
C ALA A 181 -1.41 7.42 19.87
N PHE A 182 -2.63 7.05 20.26
CA PHE A 182 -3.79 7.77 19.71
C PHE A 182 -3.69 9.28 19.96
N ALA A 183 -3.16 9.68 21.12
CA ALA A 183 -3.05 11.10 21.46
C ALA A 183 -2.13 11.87 20.53
N ALA A 184 -1.25 11.18 19.81
CA ALA A 184 -0.30 11.82 18.90
C ALA A 184 -0.86 12.06 17.51
N LEU A 185 -2.05 11.53 17.22
CA LEU A 185 -2.60 11.63 15.87
C LEU A 185 -3.20 13.00 15.63
N PRO A 186 -3.08 13.50 14.40
CA PRO A 186 -3.68 14.80 14.05
C PRO A 186 -5.19 14.68 13.94
N PRO A 187 -5.90 15.80 13.93
CA PRO A 187 -7.32 15.76 13.57
C PRO A 187 -7.46 15.15 12.18
N ALA A 188 -8.57 14.46 11.96
CA ALA A 188 -8.72 13.70 10.74
C ALA A 188 -10.20 13.57 10.36
N ASP A 189 -10.42 13.26 9.09
CA ASP A 189 -11.76 12.95 8.59
C ASP A 189 -12.06 11.46 8.54
N ASP A 190 -11.03 10.60 8.54
CA ASP A 190 -11.24 9.16 8.61
C ASP A 190 -9.98 8.53 9.16
N TYR A 191 -10.11 7.31 9.68
CA TYR A 191 -8.99 6.43 10.02
C TYR A 191 -9.12 5.21 9.11
N PRO A 192 -8.66 5.31 7.86
CA PRO A 192 -9.01 4.27 6.89
C PRO A 192 -8.29 2.96 7.08
N PHE A 193 -7.09 2.97 7.67
CA PHE A 193 -6.29 1.76 7.77
C PHE A 193 -5.51 1.75 9.08
N LEU A 194 -5.35 0.56 9.65
CA LEU A 194 -4.31 0.30 10.64
C LEU A 194 -3.45 -0.80 10.08
N ALA A 195 -2.13 -0.58 10.04
CA ALA A 195 -1.21 -1.58 9.52
C ALA A 195 -0.30 -2.10 10.63
N LEU A 196 -0.02 -3.38 10.59
CA LEU A 196 0.83 -4.03 11.58
C LEU A 196 1.99 -4.67 10.84
N ASP A 197 3.22 -4.36 11.26
CA ASP A 197 4.39 -5.06 10.73
C ASP A 197 4.44 -6.46 11.33
N LEU A 198 4.62 -7.47 10.49
CA LEU A 198 4.77 -8.84 10.95
C LEU A 198 6.20 -9.29 10.72
N GLY A 199 6.77 -9.98 11.69
CA GLY A 199 8.17 -10.36 11.55
C GLY A 199 8.81 -10.56 12.91
N GLU A 200 10.12 -10.29 12.96
CA GLU A 200 10.93 -10.61 14.13
C GLU A 200 11.02 -9.40 15.06
N TRP A 201 9.90 -9.10 15.71
CA TRP A 201 9.81 -8.01 16.66
C TRP A 201 9.12 -8.49 17.92
N ALA A 202 9.71 -8.19 19.07
CA ALA A 202 9.18 -8.60 20.35
C ALA A 202 8.13 -7.64 20.90
N ALA A 203 7.92 -6.50 20.26
CA ALA A 203 6.86 -5.57 20.62
C ALA A 203 6.21 -5.11 19.32
N PRO A 204 4.92 -4.79 19.35
CA PRO A 204 4.23 -4.45 18.09
C PRO A 204 4.71 -3.15 17.48
N ARG A 205 4.75 -3.13 16.14
CA ARG A 205 4.99 -1.91 15.37
C ARG A 205 3.76 -1.64 14.54
N VAL A 206 3.22 -0.43 14.63
CA VAL A 206 1.92 -0.14 14.03
C VAL A 206 1.97 1.17 13.28
N LYS A 207 1.18 1.25 12.21
CA LYS A 207 1.05 2.44 11.40
C LYS A 207 -0.42 2.82 11.36
N VAL A 208 -0.74 4.05 11.74
CA VAL A 208 -2.11 4.56 11.76
C VAL A 208 -2.26 5.57 10.65
N TYR A 209 -3.28 5.37 9.79
CA TYR A 209 -3.52 6.27 8.66
C TYR A 209 -4.67 7.22 8.97
N CYS A 210 -4.53 8.47 8.51
CA CYS A 210 -5.56 9.49 8.69
C CYS A 210 -5.86 10.12 7.34
N THR A 211 -7.14 10.20 6.99
CA THR A 211 -7.54 10.92 5.77
C THR A 211 -7.84 12.36 6.11
N HIS A 212 -7.38 13.27 5.25
CA HIS A 212 -7.66 14.70 5.40
C HIS A 212 -8.34 15.17 4.13
N GLU A 213 -9.61 15.57 4.26
CA GLU A 213 -10.36 15.96 3.07
C GLU A 213 -9.91 17.30 2.51
N SER A 214 -9.37 18.18 3.36
CA SER A 214 -9.00 19.53 2.95
C SER A 214 -7.71 19.95 3.65
N LEU A 215 -6.62 19.24 3.35
CA LEU A 215 -5.33 19.53 3.94
C LEU A 215 -4.64 20.68 3.20
N SER A 216 -4.04 21.59 3.94
CA SER A 216 -3.23 22.63 3.36
C SER A 216 -1.75 22.26 3.50
N ALA A 217 -0.92 22.90 2.67
CA ALA A 217 0.51 22.63 2.76
C ALA A 217 1.04 22.96 4.16
N GLN A 218 0.54 24.05 4.75
CA GLN A 218 1.00 24.43 6.09
C GLN A 218 0.66 23.35 7.11
N GLU A 219 -0.58 22.87 7.10
CA GLU A 219 -0.98 21.80 8.01
C GLU A 219 -0.12 20.56 7.80
N ALA A 220 0.12 20.19 6.54
CA ALA A 220 0.97 19.03 6.26
C ALA A 220 2.32 19.18 6.93
N GLY A 221 2.94 20.36 6.80
CA GLY A 221 4.22 20.59 7.46
C GLY A 221 4.11 20.53 8.96
N GLU A 222 3.03 21.07 9.52
CA GLU A 222 2.82 20.99 10.96
C GLU A 222 2.75 19.55 11.43
N TYR A 223 1.97 18.71 10.73
CA TYR A 223 1.79 17.33 11.17
C TYR A 223 3.09 16.52 11.07
N SER A 224 4.09 17.00 10.33
CA SER A 224 5.28 16.16 10.10
C SER A 224 6.17 15.96 11.37
N ARG A 225 5.77 16.37 12.57
CA ARG A 225 6.53 16.06 13.78
C ARG A 225 5.70 16.34 15.02
N ARG A 232 9.64 19.67 8.04
CA ARG A 232 8.59 20.67 7.84
C ARG A 232 8.67 21.29 6.45
N ASP A 233 9.79 21.91 6.14
CA ASP A 233 9.92 22.63 4.88
C ASP A 233 9.89 21.68 3.68
N GLN A 234 10.52 20.50 3.81
CA GLN A 234 10.46 19.55 2.72
C GLN A 234 9.05 19.02 2.52
N THR A 235 8.27 18.90 3.59
CA THR A 235 6.90 18.41 3.45
C THR A 235 6.02 19.42 2.74
N THR A 236 6.15 20.70 3.08
CA THR A 236 5.37 21.73 2.39
C THR A 236 5.77 21.83 0.92
N ASP A 237 7.06 21.76 0.61
CA ASP A 237 7.49 21.79 -0.79
C ASP A 237 6.95 20.60 -1.56
N PHE A 238 6.95 19.42 -0.94
CA PHE A 238 6.43 18.23 -1.60
C PHE A 238 4.94 18.37 -1.88
N PHE A 239 4.19 18.86 -0.89
CA PHE A 239 2.76 19.13 -1.11
C PHE A 239 2.55 19.97 -2.37
N HIS A 240 3.25 21.11 -2.46
CA HIS A 240 3.08 21.99 -3.62
C HIS A 240 3.54 21.33 -4.91
N ALA A 241 4.66 20.59 -4.87
CA ALA A 241 5.19 19.98 -6.08
C ALA A 241 4.22 18.94 -6.65
N VAL A 242 3.58 18.15 -5.79
CA VAL A 242 2.71 17.10 -6.30
C VAL A 242 1.33 17.65 -6.61
N ALA A 243 0.85 18.60 -5.80
CA ALA A 243 -0.48 19.15 -6.03
C ALA A 243 -0.53 20.07 -7.22
N GLY A 244 0.62 20.60 -7.63
CA GLY A 244 0.65 21.60 -8.67
C GLY A 244 0.22 22.97 -8.21
N THR A 245 0.51 23.32 -6.97
CA THR A 245 0.07 24.58 -6.38
C THR A 245 1.26 25.45 -5.98
N SER A 254 -5.73 25.75 -2.51
CA SER A 254 -5.08 25.98 -1.23
C SER A 254 -5.10 24.71 -0.36
N THR A 255 -6.15 23.89 -0.53
CA THR A 255 -6.28 22.65 0.22
C THR A 255 -6.55 21.49 -0.74
N ARG A 256 -6.11 20.30 -0.34
CA ARG A 256 -6.27 19.11 -1.17
C ARG A 256 -6.57 17.92 -0.27
N ARG A 257 -7.17 16.90 -0.87
CA ARG A 257 -7.39 15.62 -0.18
C ARG A 257 -6.06 14.88 -0.12
N ALA A 258 -5.73 14.37 1.06
CA ALA A 258 -4.45 13.69 1.24
C ALA A 258 -4.58 12.74 2.41
N LEU A 259 -3.57 11.90 2.57
CA LEU A 259 -3.53 10.91 3.64
C LEU A 259 -2.21 11.07 4.36
N THR A 260 -2.25 11.03 5.69
CA THR A 260 -1.03 10.94 6.47
C THR A 260 -0.97 9.59 7.17
N CYS A 261 0.23 9.10 7.40
CA CYS A 261 0.35 7.96 8.28
C CYS A 261 1.44 8.21 9.31
N HIS A 262 1.24 7.56 10.44
CA HIS A 262 2.00 7.85 11.66
C HIS A 262 2.44 6.50 12.18
N SER A 263 3.76 6.30 12.21
CA SER A 263 4.32 4.99 12.53
C SER A 263 4.83 4.99 13.97
N PHE A 264 4.42 3.98 14.74
CA PHE A 264 4.83 3.87 16.15
C PHE A 264 5.63 2.59 16.31
N THR A 265 6.91 2.73 16.63
CA THR A 265 7.81 1.59 16.74
C THR A 265 8.27 1.33 18.17
N ASP A 266 7.81 2.12 19.14
CA ASP A 266 8.03 1.85 20.55
C ASP A 266 6.77 2.20 21.31
N THR A 267 6.56 1.50 22.42
CA THR A 267 5.36 1.70 23.22
C THR A 267 5.56 2.69 24.37
N VAL A 268 6.78 3.23 24.52
CA VAL A 268 7.11 4.01 25.71
C VAL A 268 6.67 5.47 25.56
N THR A 269 7.04 6.12 24.45
CA THR A 269 6.96 7.58 24.43
C THR A 269 5.61 8.12 23.98
N GLY A 270 4.89 7.36 23.17
CA GLY A 270 3.72 7.89 22.49
C GLY A 270 4.04 8.77 21.31
N ARG A 271 5.32 8.96 20.99
CA ARG A 271 5.72 9.75 19.83
C ARG A 271 5.90 8.83 18.63
N PRO A 272 5.46 9.23 17.45
CA PRO A 272 5.71 8.42 16.25
C PRO A 272 7.17 8.54 15.85
N SER A 273 7.70 7.45 15.28
CA SER A 273 9.03 7.45 14.71
C SER A 273 9.02 7.70 13.21
N GLY A 274 7.84 7.70 12.59
CA GLY A 274 7.74 7.95 11.17
C GLY A 274 6.49 8.73 10.84
N PHE A 275 6.57 9.49 9.75
CA PHE A 275 5.46 10.27 9.22
C PHE A 275 5.53 10.19 7.71
N THR A 276 4.40 9.90 7.07
CA THR A 276 4.32 9.91 5.61
C THR A 276 3.17 10.80 5.16
N LEU A 277 3.42 11.63 4.14
CA LEU A 277 2.37 12.37 3.45
C LEU A 277 2.12 11.70 2.11
N HIS A 278 0.90 11.22 1.89
CA HIS A 278 0.53 10.55 0.64
C HIS A 278 -0.40 11.47 -0.14
N MET A 279 -0.02 11.79 -1.38
CA MET A 279 -0.80 12.70 -2.21
C MET A 279 -1.38 11.94 -3.40
N PRO A 280 -2.71 11.90 -3.56
CA PRO A 280 -3.33 11.15 -4.67
C PRO A 280 -3.20 11.94 -5.97
N VAL A 281 -2.02 11.86 -6.56
CA VAL A 281 -1.73 12.69 -7.73
C VAL A 281 -2.73 12.41 -8.86
N ARG A 282 -3.27 11.19 -8.93
CA ARG A 282 -4.24 10.89 -9.98
C ARG A 282 -5.45 11.80 -9.93
N SER A 283 -5.75 12.38 -8.78
CA SER A 283 -6.89 13.29 -8.65
C SER A 283 -6.56 14.71 -9.05
N TYR A 284 -5.28 15.04 -9.26
CA TYR A 284 -4.87 16.41 -9.52
C TYR A 284 -4.49 16.70 -10.97
N VAL A 285 -4.36 15.70 -11.82
CA VAL A 285 -3.83 15.87 -13.17
C VAL A 285 -4.83 15.37 -14.21
N GLU A 286 -4.60 15.77 -15.46
CA GLU A 286 -5.45 15.37 -16.57
C GLU A 286 -5.17 13.93 -17.01
N HIS A 287 -3.90 13.51 -16.98
CA HIS A 287 -3.52 12.19 -17.45
C HIS A 287 -2.18 11.80 -16.82
N ASP A 288 -1.78 10.56 -17.08
CA ASP A 288 -0.60 10.00 -16.43
C ASP A 288 0.71 10.60 -16.93
N GLY A 289 0.74 11.21 -18.10
CA GLY A 289 1.92 11.95 -18.48
C GLY A 289 2.22 13.08 -17.51
N ARG A 290 1.19 13.80 -17.09
CA ARG A 290 1.37 14.87 -16.11
C ARG A 290 1.75 14.29 -14.75
N ALA A 291 1.14 13.16 -14.37
CA ALA A 291 1.47 12.58 -13.08
C ALA A 291 2.92 12.10 -13.06
N ARG A 292 3.35 11.44 -14.13
CA ARG A 292 4.74 11.02 -14.23
C ARG A 292 5.69 12.21 -14.15
N ASP A 293 5.33 13.32 -14.79
CA ASP A 293 6.20 14.49 -14.78
C ASP A 293 6.42 15.00 -13.36
N ARG A 294 5.35 15.08 -12.56
CA ARG A 294 5.51 15.59 -11.20
C ARG A 294 6.32 14.64 -10.35
N ALA A 295 6.04 13.34 -10.46
CA ALA A 295 6.82 12.36 -9.70
C ALA A 295 8.29 12.39 -10.11
N ALA A 296 8.56 12.48 -11.41
CA ALA A 296 9.93 12.51 -11.87
C ALA A 296 10.68 13.72 -11.31
N ASP A 297 10.04 14.89 -11.31
CA ASP A 297 10.69 16.09 -10.80
C ASP A 297 10.99 15.97 -9.31
N VAL A 298 10.08 15.38 -8.53
CA VAL A 298 10.33 15.19 -7.10
C VAL A 298 11.51 14.25 -6.90
N LEU A 299 11.51 13.11 -7.59
CA LEU A 299 12.62 12.17 -7.46
C LEU A 299 13.94 12.83 -7.81
N ARG A 300 13.98 13.54 -8.93
CA ARG A 300 15.23 14.13 -9.39
C ARG A 300 15.74 15.16 -8.39
N ARG A 301 14.84 16.00 -7.87
CA ARG A 301 15.23 17.03 -6.91
C ARG A 301 15.82 16.45 -5.62
N TYR A 302 15.45 15.23 -5.26
CA TYR A 302 15.98 14.60 -4.06
C TYR A 302 17.11 13.63 -4.33
N GLY A 303 17.65 13.62 -5.55
CA GLY A 303 18.74 12.74 -5.89
C GLY A 303 18.38 11.28 -6.04
N MET A 304 17.13 10.99 -6.43
CA MET A 304 16.67 9.62 -6.54
C MET A 304 16.65 9.16 -8.00
N ASP A 305 16.24 7.91 -8.20
CA ASP A 305 16.43 7.20 -9.47
C ASP A 305 15.24 7.45 -10.39
N ASN A 306 15.19 8.67 -10.94
CA ASN A 306 14.03 9.01 -11.78
C ASN A 306 13.96 8.17 -13.05
N ASP A 307 15.10 7.73 -13.58
CA ASP A 307 15.08 6.83 -14.74
C ASP A 307 14.34 5.54 -14.41
N ALA A 308 14.55 5.02 -13.20
CA ALA A 308 13.90 3.75 -12.85
C ALA A 308 12.38 3.90 -12.82
N LEU A 309 11.87 5.09 -12.49
CA LEU A 309 10.43 5.29 -12.54
C LEU A 309 9.88 5.08 -13.93
N ASP A 310 10.55 5.65 -14.95
CA ASP A 310 10.06 5.46 -16.31
C ASP A 310 10.09 4.00 -16.71
N ARG A 311 11.14 3.27 -16.30
CA ARG A 311 11.21 1.85 -16.60
C ARG A 311 10.11 1.06 -15.89
N ALA A 312 9.76 1.47 -14.67
CA ALA A 312 8.71 0.77 -13.95
C ALA A 312 7.34 0.97 -14.61
N LEU A 313 7.04 2.19 -15.05
CA LEU A 313 5.76 2.39 -15.72
C LEU A 313 5.66 1.55 -16.98
N ALA A 314 6.76 1.48 -17.75
CA ALA A 314 6.77 0.65 -18.96
C ALA A 314 6.67 -0.84 -18.63
N ALA A 315 7.21 -1.26 -17.48
CA ALA A 315 7.07 -2.65 -17.06
C ALA A 315 5.61 -3.02 -16.82
N VAL A 316 4.81 -2.07 -16.34
CA VAL A 316 3.43 -2.40 -15.99
C VAL A 316 2.53 -2.40 -17.22
N THR A 317 2.73 -1.46 -18.14
CA THR A 317 1.82 -1.35 -19.27
C THR A 317 2.54 -0.69 -20.44
N PRO A 318 2.26 -1.12 -21.67
CA PRO A 318 2.85 -0.45 -22.84
C PRO A 318 2.04 0.75 -23.35
N ARG A 319 0.93 1.10 -22.71
CA ARG A 319 0.10 2.16 -23.24
C ARG A 319 0.78 3.52 -23.12
N PRO A 320 0.46 4.44 -24.01
CA PRO A 320 0.91 5.83 -23.84
C PRO A 320 0.37 6.39 -22.54
N LEU A 321 1.22 7.15 -21.84
CA LEU A 321 0.80 7.70 -20.55
C LEU A 321 -0.37 8.66 -20.70
N ASP A 322 -0.43 9.43 -21.79
CA ASP A 322 -1.49 10.43 -21.90
C ASP A 322 -2.82 9.83 -22.32
N ASP A 323 -2.92 8.53 -22.51
CA ASP A 323 -4.18 7.88 -22.89
C ASP A 323 -5.03 7.49 -21.68
N GLY A 324 -4.67 7.93 -20.48
CA GLY A 324 -5.48 7.63 -19.31
C GLY A 324 -4.92 8.34 -18.10
N VAL A 325 -5.61 8.13 -16.99
CA VAL A 325 -5.20 8.70 -15.71
C VAL A 325 -5.35 7.60 -14.66
N GLY A 326 -4.51 7.65 -13.63
CA GLY A 326 -4.63 6.71 -12.53
C GLY A 326 -3.58 5.62 -12.51
N LEU A 327 -2.74 5.50 -13.55
CA LEU A 327 -1.62 4.57 -13.49
C LEU A 327 -0.67 4.95 -12.35
N VAL A 328 -0.29 6.24 -12.28
CA VAL A 328 0.41 6.77 -11.12
C VAL A 328 -0.65 7.17 -10.11
N ALA A 329 -0.85 6.32 -9.10
CA ALA A 329 -1.98 6.47 -8.20
C ALA A 329 -1.71 7.49 -7.10
N TYR A 330 -0.54 7.40 -6.47
CA TYR A 330 -0.15 8.28 -5.37
C TYR A 330 1.35 8.52 -5.45
N VAL A 331 1.78 9.63 -4.85
CA VAL A 331 3.20 9.86 -4.57
C VAL A 331 3.27 10.24 -3.09
N ALA A 332 4.23 9.66 -2.37
CA ALA A 332 4.33 9.88 -0.93
C ALA A 332 5.75 10.27 -0.54
N LEU A 333 5.83 11.08 0.50
CA LEU A 333 7.10 11.47 1.12
C LEU A 333 7.14 10.83 2.50
N VAL A 334 8.16 10.00 2.73
CA VAL A 334 8.28 9.18 3.92
C VAL A 334 9.42 9.72 4.78
N HIS A 335 9.12 10.14 5.99
CA HIS A 335 10.12 10.51 6.99
C HIS A 335 10.19 9.41 8.05
N GLN A 336 11.40 9.05 8.46
CA GLN A 336 11.57 8.04 9.49
C GLN A 336 12.86 8.35 10.24
N LEU A 337 12.78 8.43 11.56
CA LEU A 337 13.96 8.75 12.35
C LEU A 337 15.08 7.77 12.03
N GLY A 338 16.28 8.30 11.82
CA GLY A 338 17.44 7.48 11.54
C GLY A 338 17.67 7.15 10.08
N ARG A 339 16.75 7.54 9.19
CA ARG A 339 16.87 7.24 7.78
C ARG A 339 16.76 8.52 6.98
N ASP A 340 17.32 8.50 5.77
CA ASP A 340 17.11 9.57 4.83
C ASP A 340 15.66 9.54 4.36
N PRO A 341 15.10 10.67 3.97
CA PRO A 341 13.75 10.67 3.40
C PRO A 341 13.68 9.74 2.20
N ARG A 342 12.51 9.17 1.98
CA ARG A 342 12.25 8.34 0.82
C ARG A 342 11.01 8.88 0.13
N VAL A 343 10.94 8.67 -1.19
CA VAL A 343 9.74 8.96 -1.96
C VAL A 343 9.20 7.64 -2.48
N THR A 344 7.91 7.40 -2.28
CA THR A 344 7.27 6.20 -2.78
C THR A 344 6.30 6.56 -3.89
N VAL A 345 6.35 5.81 -5.00
CA VAL A 345 5.41 5.98 -6.10
C VAL A 345 4.54 4.73 -6.19
N TYR A 346 3.22 4.93 -6.19
CA TYR A 346 2.26 3.83 -6.25
C TYR A 346 1.73 3.69 -7.67
N VAL A 347 1.80 2.47 -8.21
CA VAL A 347 1.54 2.21 -9.63
C VAL A 347 0.45 1.17 -9.77
N SER A 348 -0.58 1.49 -10.55
CA SER A 348 -1.73 0.61 -10.71
C SER A 348 -1.46 -0.49 -11.72
N SER A 349 -2.20 -1.59 -11.56
CA SER A 349 -2.10 -2.73 -12.46
C SER A 349 -2.93 -2.53 -13.73
N GLU A 350 -4.10 -1.90 -13.62
CA GLU A 350 -4.98 -1.69 -14.77
C GLU A 350 -5.35 -3.01 -15.47
N ALA A 351 -5.62 -4.05 -14.68
CA ALA A 351 -5.96 -5.35 -15.25
C ALA A 351 -7.35 -5.34 -15.86
N TYR A 352 -8.23 -4.48 -15.38
CA TYR A 352 -9.63 -4.44 -15.84
C TYR A 352 -10.00 -3.20 -16.64
N ALA A 353 -9.44 -2.04 -16.32
CA ALA A 353 -9.81 -0.84 -17.05
C ALA A 353 -8.74 0.22 -16.91
N VAL A 354 -8.69 1.10 -17.91
CA VAL A 354 -7.90 2.32 -17.86
C VAL A 354 -8.88 3.48 -17.73
N GLN A 355 -8.68 4.32 -16.73
CA GLN A 355 -9.56 5.47 -16.55
C GLN A 355 -9.24 6.49 -17.62
N PRO A 356 -10.24 7.05 -18.32
CA PRO A 356 -9.93 7.93 -19.44
C PRO A 356 -9.30 9.23 -18.96
N PRO A 357 -8.52 9.90 -19.80
CA PRO A 357 -7.99 11.21 -19.43
C PRO A 357 -9.12 12.18 -19.13
N ARG A 358 -8.81 13.19 -18.33
CA ARG A 358 -9.78 14.23 -18.00
C ARG A 358 -9.79 15.32 -19.06
#